data_2R6Z
#
_entry.id   2R6Z
#
_cell.length_a   58.233
_cell.length_b   43.186
_cell.length_c   103.570
_cell.angle_alpha   90.00
_cell.angle_beta   97.54
_cell.angle_gamma   90.00
#
_symmetry.space_group_name_H-M   'P 1 21 1'
#
loop_
_entity.id
_entity.type
_entity.pdbx_description
1 polymer "UPF0341 protein in rsp 3' region"
2 water water
#
_entity_poly.entity_id   1
_entity_poly.type   'polypeptide(L)'
_entity_poly.pdbx_seq_one_letter_code
;(MSE)TDILIDDTATEAVRTLIRAFPLVPVSQPPEQGSYLLAEHDTVSLRLVGEKSNVIVDFTSGAAQYRRTKGGGELIA
KAVNHTAHPTVWDATAGLGRDSFVLASLGLTVTAFEQHPAVACLLSDGIRRALLNPETQDTAARINLHFGNAAEQ(MSE)
PALVKTQGKPDIVYLDP(MSE)YPERRKSAAVKKE(MSE)AYFHRLVGEAQDEVVLLHTARQTAKKRVVVKRPRLGEHLA
GQAPAYQYTGKSTRFDVYLPYGADKGLEHHHHHH
;
_entity_poly.pdbx_strand_id   A,B
#
# COMPACT_ATOMS: atom_id res chain seq x y z
N THR A 2 3.10 5.15 11.80
CA THR A 2 2.17 6.09 12.47
C THR A 2 2.74 6.51 13.82
N ASP A 3 2.85 7.81 14.02
CA ASP A 3 3.38 8.34 15.28
C ASP A 3 2.27 8.49 16.30
N ILE A 4 2.60 8.30 17.57
CA ILE A 4 1.62 8.51 18.60
C ILE A 4 2.27 9.29 19.72
N LEU A 5 1.63 10.39 20.10
CA LEU A 5 2.09 11.25 21.18
C LEU A 5 1.25 10.86 22.38
N ILE A 6 1.90 10.37 23.43
CA ILE A 6 1.20 9.95 24.63
C ILE A 6 1.32 11.01 25.72
N ASP A 7 0.24 11.76 25.90
CA ASP A 7 0.22 12.81 26.92
C ASP A 7 0.25 12.16 28.30
N ASP A 8 0.84 12.85 29.29
CA ASP A 8 0.92 12.30 30.64
C ASP A 8 -0.44 12.00 31.25
N THR A 9 -1.49 12.60 30.70
CA THR A 9 -2.84 12.38 31.21
C THR A 9 -3.45 11.08 30.70
N ALA A 10 -2.80 10.46 29.72
CA ALA A 10 -3.31 9.21 29.15
C ALA A 10 -3.58 8.17 30.23
N THR A 11 -4.81 7.65 30.25
CA THR A 11 -5.18 6.65 31.23
C THR A 11 -4.50 5.32 30.95
N GLU A 12 -4.50 4.43 31.95
CA GLU A 12 -3.88 3.14 31.76
C GLU A 12 -4.67 2.34 30.73
N ALA A 13 -5.98 2.57 30.66
CA ALA A 13 -6.81 1.85 29.70
C ALA A 13 -6.33 2.20 28.27
N VAL A 14 -6.02 3.48 28.07
CA VAL A 14 -5.54 3.95 26.77
C VAL A 14 -4.13 3.43 26.51
N ARG A 15 -3.28 3.54 27.53
CA ARG A 15 -1.90 3.08 27.40
C ARG A 15 -1.83 1.60 27.08
N THR A 16 -2.77 0.82 27.61
CA THR A 16 -2.77 -0.61 27.34
C THR A 16 -3.24 -0.90 25.93
N LEU A 17 -4.32 -0.24 25.53
CA LEU A 17 -4.91 -0.43 24.20
C LEU A 17 -3.96 -0.19 23.04
N ILE A 18 -3.22 0.90 23.09
CA ILE A 18 -2.30 1.24 22.03
C ILE A 18 -1.15 0.25 21.85
N ARG A 19 -0.81 -0.48 22.90
CA ARG A 19 0.28 -1.45 22.83
C ARG A 19 0.05 -2.57 21.82
N ALA A 20 -1.18 -2.71 21.33
CA ALA A 20 -1.48 -3.76 20.38
C ALA A 20 -1.20 -3.38 18.93
N PHE A 21 -0.76 -2.14 18.72
CA PHE A 21 -0.46 -1.66 17.37
C PHE A 21 0.98 -1.18 17.20
N PRO A 22 1.56 -1.39 16.01
CA PRO A 22 2.93 -0.98 15.73
C PRO A 22 3.09 0.53 15.57
N LEU A 23 2.76 1.27 16.63
CA LEU A 23 2.85 2.72 16.62
C LEU A 23 4.22 3.20 17.10
N VAL A 24 4.67 4.32 16.55
CA VAL A 24 5.96 4.89 16.93
C VAL A 24 5.72 6.01 17.95
N PRO A 25 6.12 5.77 19.20
CA PRO A 25 5.93 6.79 20.24
C PRO A 25 6.84 7.99 20.01
N VAL A 26 6.30 9.19 20.13
CA VAL A 26 7.10 10.40 19.95
C VAL A 26 6.96 11.35 21.14
N SER A 27 8.02 12.10 21.41
CA SER A 27 8.02 13.03 22.54
C SER A 27 7.33 14.34 22.20
N GLN A 28 7.17 14.61 20.91
CA GLN A 28 6.50 15.81 20.44
C GLN A 28 5.86 15.51 19.09
N PRO A 29 4.86 16.30 18.68
CA PRO A 29 4.20 16.05 17.39
C PRO A 29 5.22 16.14 16.26
N PRO A 30 4.95 15.49 15.13
CA PRO A 30 5.88 15.55 14.00
C PRO A 30 5.86 16.96 13.43
N GLU A 31 6.81 17.25 12.55
CA GLU A 31 6.89 18.57 11.95
C GLU A 31 5.69 18.86 11.05
N GLN A 32 5.21 17.83 10.34
CA GLN A 32 4.07 17.96 9.44
C GLN A 32 3.30 16.64 9.33
N GLY A 33 2.07 16.71 8.82
CA GLY A 33 1.28 15.51 8.65
C GLY A 33 0.45 15.13 9.86
N SER A 34 -0.10 13.93 9.84
CA SER A 34 -0.93 13.43 10.92
C SER A 34 -0.19 12.64 11.98
N TYR A 35 -0.91 12.36 13.07
CA TYR A 35 -0.39 11.56 14.17
C TYR A 35 -1.51 11.31 15.14
N LEU A 36 -1.33 10.28 15.97
CA LEU A 36 -2.31 9.95 16.98
C LEU A 36 -1.93 10.67 18.26
N LEU A 37 -2.95 11.02 19.03
CA LEU A 37 -2.76 11.68 20.31
C LEU A 37 -3.54 10.87 21.34
N ALA A 38 -2.85 10.44 22.39
CA ALA A 38 -3.49 9.70 23.46
C ALA A 38 -3.50 10.68 24.61
N GLU A 39 -4.68 11.20 24.92
CA GLU A 39 -4.86 12.18 26.00
C GLU A 39 -6.08 11.77 26.82
N HIS A 40 -5.95 11.82 28.14
CA HIS A 40 -7.03 11.42 29.03
C HIS A 40 -7.45 10.00 28.69
N ASP A 41 -8.73 9.78 28.40
CA ASP A 41 -9.19 8.42 28.08
C ASP A 41 -9.61 8.31 26.63
N THR A 42 -8.89 8.97 25.73
CA THR A 42 -9.24 8.91 24.32
C THR A 42 -8.02 8.92 23.40
N VAL A 43 -8.14 8.23 22.27
CA VAL A 43 -7.09 8.24 21.27
C VAL A 43 -7.76 8.93 20.09
N SER A 44 -7.13 9.96 19.56
CA SER A 44 -7.70 10.71 18.45
C SER A 44 -6.66 10.93 17.36
N LEU A 45 -7.11 11.27 16.16
CA LEU A 45 -6.18 11.52 15.06
C LEU A 45 -6.10 13.01 14.80
N ARG A 46 -4.88 13.51 14.64
CA ARG A 46 -4.67 14.93 14.41
C ARG A 46 -3.83 15.22 13.19
N LEU A 47 -3.92 16.47 12.73
CA LEU A 47 -3.14 16.95 11.59
C LEU A 47 -2.40 18.18 12.11
N VAL A 48 -1.08 18.16 11.99
CA VAL A 48 -0.27 19.27 12.47
C VAL A 48 -0.75 20.58 11.85
N GLY A 49 -0.97 21.57 12.71
CA GLY A 49 -1.42 22.86 12.22
C GLY A 49 -2.92 23.08 12.32
N GLU A 50 -3.69 22.00 12.45
CA GLU A 50 -5.15 22.12 12.54
C GLU A 50 -5.66 21.85 13.94
N LYS A 51 -6.71 22.56 14.34
CA LYS A 51 -7.26 22.41 15.68
C LYS A 51 -8.20 21.22 15.85
N SER A 52 -8.77 20.75 14.73
CA SER A 52 -9.71 19.64 14.77
C SER A 52 -9.07 18.29 15.12
N ASN A 53 -9.92 17.29 15.26
CA ASN A 53 -9.42 15.96 15.57
C ASN A 53 -10.46 14.94 15.12
N VAL A 54 -9.98 13.79 14.69
CA VAL A 54 -10.83 12.71 14.24
C VAL A 54 -10.86 11.66 15.34
N ILE A 55 -12.06 11.30 15.78
CA ILE A 55 -12.19 10.30 16.82
C ILE A 55 -13.40 9.42 16.54
N VAL A 56 -13.31 8.15 16.93
CA VAL A 56 -14.40 7.23 16.74
C VAL A 56 -15.27 7.36 17.98
N ASP A 57 -16.54 7.70 17.77
CA ASP A 57 -17.47 7.89 18.87
C ASP A 57 -18.83 7.37 18.43
N PHE A 58 -19.21 6.21 18.96
CA PHE A 58 -20.49 5.60 18.61
C PHE A 58 -21.65 6.16 19.42
N THR A 59 -21.33 7.00 20.39
CA THR A 59 -22.34 7.61 21.25
C THR A 59 -23.22 8.57 20.47
N GLU A 73 -31.83 0.05 6.68
CA GLU A 73 -32.43 -1.28 6.72
C GLU A 73 -32.03 -2.11 5.49
N LEU A 74 -31.45 -1.47 4.49
CA LEU A 74 -31.04 -2.16 3.27
C LEU A 74 -29.93 -3.18 3.55
N ILE A 75 -28.99 -2.81 4.39
CA ILE A 75 -27.88 -3.70 4.72
C ILE A 75 -28.35 -4.87 5.57
N ALA A 76 -29.43 -4.64 6.33
CA ALA A 76 -29.98 -5.69 7.19
C ALA A 76 -30.50 -6.84 6.34
N LYS A 77 -31.13 -6.50 5.22
CA LYS A 77 -31.67 -7.50 4.31
C LYS A 77 -30.53 -8.18 3.57
N ALA A 78 -29.54 -7.39 3.15
CA ALA A 78 -28.39 -7.91 2.43
C ALA A 78 -27.70 -9.02 3.22
N VAL A 79 -27.60 -8.84 4.54
CA VAL A 79 -26.96 -9.84 5.37
C VAL A 79 -27.97 -10.86 5.93
N ASN A 80 -29.23 -10.73 5.50
CA ASN A 80 -30.31 -11.61 5.96
C ASN A 80 -30.24 -11.73 7.47
N HIS A 81 -30.32 -10.59 8.14
CA HIS A 81 -30.25 -10.52 9.60
C HIS A 81 -31.27 -11.42 10.29
N THR A 82 -32.38 -11.69 9.61
CA THR A 82 -33.43 -12.54 10.18
C THR A 82 -32.88 -13.90 10.60
N ALA A 83 -31.82 -14.35 9.92
CA ALA A 83 -31.19 -15.64 10.22
C ALA A 83 -30.12 -15.50 11.29
N HIS A 84 -29.98 -14.28 11.80
CA HIS A 84 -29.00 -13.96 12.83
C HIS A 84 -27.63 -14.57 12.51
N PRO A 85 -27.07 -14.23 11.34
CA PRO A 85 -25.77 -14.78 10.94
C PRO A 85 -24.60 -14.03 11.56
N THR A 86 -23.46 -14.72 11.70
CA THR A 86 -22.26 -14.09 12.23
C THR A 86 -21.72 -13.32 11.03
N VAL A 87 -21.17 -12.14 11.27
CA VAL A 87 -20.65 -11.33 10.17
C VAL A 87 -19.22 -10.89 10.39
N TRP A 88 -18.41 -11.00 9.35
CA TRP A 88 -17.03 -10.56 9.41
C TRP A 88 -16.92 -9.36 8.50
N ASP A 89 -16.57 -8.22 9.07
CA ASP A 89 -16.42 -6.97 8.32
C ASP A 89 -14.94 -6.89 7.93
N ALA A 90 -14.66 -7.21 6.66
CA ALA A 90 -13.29 -7.24 6.15
C ALA A 90 -12.67 -5.88 5.84
N THR A 91 -13.45 -4.82 6.02
CA THR A 91 -12.99 -3.46 5.74
C THR A 91 -13.56 -2.53 6.81
N ALA A 92 -13.39 -2.89 8.07
CA ALA A 92 -13.94 -2.11 9.20
C ALA A 92 -13.76 -0.60 9.20
N GLY A 93 -12.57 -0.11 8.86
CA GLY A 93 -12.33 1.32 8.85
C GLY A 93 -12.66 1.97 10.17
N LEU A 94 -13.47 3.03 10.14
CA LEU A 94 -13.86 3.71 11.37
C LEU A 94 -15.01 2.97 12.07
N GLY A 95 -15.34 1.79 11.54
CA GLY A 95 -16.35 0.94 12.14
C GLY A 95 -17.82 1.32 12.07
N ARG A 96 -18.15 2.27 11.20
CA ARG A 96 -19.53 2.71 11.05
C ARG A 96 -20.48 1.53 10.72
N ASP A 97 -20.15 0.75 9.70
CA ASP A 97 -21.02 -0.36 9.35
C ASP A 97 -20.90 -1.52 10.34
N SER A 98 -19.76 -1.62 11.03
CA SER A 98 -19.61 -2.69 12.02
C SER A 98 -20.62 -2.45 13.14
N PHE A 99 -20.73 -1.20 13.59
CA PHE A 99 -21.66 -0.85 14.66
C PHE A 99 -23.11 -1.06 14.22
N VAL A 100 -23.43 -0.65 13.01
CA VAL A 100 -24.78 -0.82 12.48
C VAL A 100 -25.15 -2.30 12.46
N LEU A 101 -24.24 -3.12 11.95
CA LEU A 101 -24.48 -4.56 11.89
C LEU A 101 -24.63 -5.12 13.29
N ALA A 102 -23.79 -4.64 14.22
CA ALA A 102 -23.84 -5.09 15.60
C ALA A 102 -25.16 -4.65 16.24
N SER A 103 -25.65 -3.49 15.80
CA SER A 103 -26.89 -2.93 16.32
C SER A 103 -28.07 -3.84 16.02
N LEU A 104 -27.96 -4.59 14.92
CA LEU A 104 -29.00 -5.53 14.51
C LEU A 104 -28.98 -6.77 15.41
N GLY A 105 -28.06 -6.79 16.37
CA GLY A 105 -27.95 -7.92 17.28
C GLY A 105 -27.02 -9.01 16.79
N LEU A 106 -26.24 -8.73 15.75
CA LEU A 106 -25.31 -9.70 15.19
C LEU A 106 -23.90 -9.55 15.74
N THR A 107 -23.23 -10.68 15.94
CA THR A 107 -21.86 -10.67 16.44
C THR A 107 -20.93 -10.39 15.27
N VAL A 108 -20.24 -9.26 15.32
CA VAL A 108 -19.36 -8.84 14.25
C VAL A 108 -17.87 -8.91 14.58
N THR A 109 -17.09 -9.40 13.61
CA THR A 109 -15.65 -9.47 13.78
C THR A 109 -15.11 -8.50 12.73
N ALA A 110 -14.54 -7.40 13.19
CA ALA A 110 -14.04 -6.35 12.32
C ALA A 110 -12.54 -6.41 12.06
N PHE A 111 -12.17 -6.35 10.79
CA PHE A 111 -10.77 -6.39 10.37
C PHE A 111 -10.33 -5.04 9.83
N GLU A 112 -9.18 -4.56 10.28
CA GLU A 112 -8.62 -3.29 9.80
C GLU A 112 -7.11 -3.45 9.78
N GLN A 113 -6.48 -3.18 8.65
CA GLN A 113 -5.03 -3.34 8.51
C GLN A 113 -4.19 -2.09 8.79
N HIS A 114 -4.80 -0.91 8.72
CA HIS A 114 -4.04 0.30 8.99
C HIS A 114 -3.89 0.52 10.49
N PRO A 115 -2.64 0.68 10.97
CA PRO A 115 -2.37 0.88 12.40
C PRO A 115 -3.14 2.02 13.07
N ALA A 116 -3.16 3.17 12.41
CA ALA A 116 -3.86 4.33 12.95
C ALA A 116 -5.36 4.13 13.00
N VAL A 117 -5.94 3.71 11.88
CA VAL A 117 -7.38 3.48 11.80
C VAL A 117 -7.81 2.41 12.81
N ALA A 118 -7.05 1.31 12.85
CA ALA A 118 -7.34 0.23 13.77
C ALA A 118 -7.27 0.71 15.22
N CYS A 119 -6.26 1.51 15.53
CA CYS A 119 -6.12 2.00 16.90
C CYS A 119 -7.32 2.87 17.27
N LEU A 120 -7.72 3.75 16.36
CA LEU A 120 -8.86 4.63 16.58
C LEU A 120 -10.16 3.83 16.80
N LEU A 121 -10.36 2.81 15.95
CA LEU A 121 -11.57 1.98 16.07
C LEU A 121 -11.57 1.22 17.39
N SER A 122 -10.41 0.67 17.74
CA SER A 122 -10.28 -0.07 18.98
C SER A 122 -10.70 0.82 20.16
N ASP A 123 -10.22 2.07 20.18
CA ASP A 123 -10.54 2.99 21.26
C ASP A 123 -12.01 3.37 21.27
N GLY A 124 -12.62 3.47 20.09
CA GLY A 124 -14.03 3.80 20.01
C GLY A 124 -14.87 2.69 20.60
N ILE A 125 -14.49 1.45 20.30
CA ILE A 125 -15.20 0.28 20.82
C ILE A 125 -15.03 0.26 22.34
N ARG A 126 -13.81 0.47 22.82
CA ARG A 126 -13.53 0.47 24.25
C ARG A 126 -14.39 1.50 24.98
N ARG A 127 -14.46 2.72 24.45
CA ARG A 127 -15.25 3.77 25.07
C ARG A 127 -16.75 3.50 24.96
N ALA A 128 -17.18 2.87 23.87
CA ALA A 128 -18.58 2.56 23.66
C ALA A 128 -19.09 1.60 24.72
N LEU A 129 -18.20 0.71 25.18
CA LEU A 129 -18.55 -0.27 26.21
C LEU A 129 -18.82 0.44 27.54
N LEU A 130 -18.12 1.54 27.79
CA LEU A 130 -18.30 2.29 29.02
C LEU A 130 -19.59 3.09 28.99
N ASN A 131 -20.14 3.29 27.80
CA ASN A 131 -21.37 4.05 27.65
C ASN A 131 -22.59 3.12 27.63
N PRO A 132 -23.56 3.35 28.54
CA PRO A 132 -24.78 2.56 28.65
C PRO A 132 -25.55 2.38 27.36
N GLU A 133 -25.85 3.49 26.68
CA GLU A 133 -26.63 3.44 25.45
C GLU A 133 -25.91 2.82 24.25
N THR A 134 -24.70 2.32 24.46
CA THR A 134 -23.95 1.69 23.36
C THR A 134 -23.24 0.42 23.81
N GLN A 135 -23.19 0.21 25.12
CA GLN A 135 -22.52 -0.96 25.69
C GLN A 135 -22.97 -2.27 25.07
N ASP A 136 -24.28 -2.48 24.98
CA ASP A 136 -24.83 -3.71 24.42
C ASP A 136 -24.33 -4.00 23.00
N THR A 137 -24.44 -3.00 22.13
CA THR A 137 -24.01 -3.15 20.75
C THR A 137 -22.49 -3.31 20.64
N ALA A 138 -21.74 -2.50 21.38
CA ALA A 138 -20.29 -2.57 21.34
C ALA A 138 -19.74 -3.92 21.77
N ALA A 139 -20.43 -4.59 22.69
CA ALA A 139 -19.99 -5.90 23.16
C ALA A 139 -20.05 -6.95 22.06
N ARG A 140 -20.76 -6.66 20.97
CA ARG A 140 -20.88 -7.61 19.87
C ARG A 140 -19.87 -7.31 18.76
N ILE A 141 -18.94 -6.42 19.02
CA ILE A 141 -17.93 -6.07 18.02
C ILE A 141 -16.54 -6.50 18.50
N ASN A 142 -15.89 -7.33 17.69
CA ASN A 142 -14.56 -7.83 18.01
C ASN A 142 -13.62 -7.33 16.92
N LEU A 143 -12.59 -6.59 17.32
CA LEU A 143 -11.64 -6.04 16.35
C LEU A 143 -10.43 -6.93 16.12
N HIS A 144 -10.09 -7.12 14.85
CA HIS A 144 -8.94 -7.93 14.49
C HIS A 144 -8.01 -7.07 13.63
N PHE A 145 -6.82 -6.81 14.15
CA PHE A 145 -5.85 -5.99 13.42
C PHE A 145 -5.10 -6.79 12.37
N GLY A 146 -5.04 -6.25 11.16
CA GLY A 146 -4.35 -6.93 10.08
C GLY A 146 -5.11 -6.93 8.76
N ASN A 147 -4.45 -7.39 7.70
CA ASN A 147 -5.06 -7.47 6.38
C ASN A 147 -6.04 -8.64 6.37
N ALA A 148 -7.29 -8.36 6.02
CA ALA A 148 -8.34 -9.38 5.99
C ALA A 148 -7.96 -10.60 5.15
N ALA A 149 -7.49 -10.34 3.94
CA ALA A 149 -7.10 -11.42 3.04
C ALA A 149 -6.14 -12.37 3.73
N GLU A 150 -5.35 -11.84 4.68
CA GLU A 150 -4.37 -12.65 5.40
C GLU A 150 -4.89 -13.20 6.72
N GLN A 151 -5.57 -12.35 7.49
CA GLN A 151 -6.08 -12.75 8.80
C GLN A 151 -7.29 -13.68 8.78
N PRO A 153 -8.28 -16.21 6.77
CA PRO A 153 -7.97 -17.65 6.62
C PRO A 153 -7.43 -18.20 7.95
N ALA A 154 -6.59 -17.42 8.61
CA ALA A 154 -6.01 -17.84 9.88
C ALA A 154 -7.07 -17.94 10.97
N LEU A 155 -8.04 -17.02 10.94
CA LEU A 155 -9.11 -17.02 11.95
C LEU A 155 -10.06 -18.18 11.72
N VAL A 156 -10.27 -18.54 10.45
CA VAL A 156 -11.15 -19.65 10.10
C VAL A 156 -10.63 -20.93 10.75
N LYS A 157 -9.34 -21.16 10.67
CA LYS A 157 -8.71 -22.35 11.24
C LYS A 157 -8.85 -22.34 12.77
N THR A 158 -9.20 -21.18 13.31
CA THR A 158 -9.34 -21.01 14.74
C THR A 158 -10.78 -21.18 15.23
N GLN A 159 -11.61 -20.17 14.99
CA GLN A 159 -13.00 -20.20 15.42
C GLN A 159 -14.00 -20.68 14.38
N GLY A 160 -13.51 -21.04 13.18
CA GLY A 160 -14.41 -21.52 12.15
C GLY A 160 -14.93 -20.44 11.21
N LYS A 161 -15.57 -20.87 10.13
CA LYS A 161 -16.09 -19.93 9.14
C LYS A 161 -17.28 -19.10 9.62
N PRO A 162 -17.35 -17.85 9.16
CA PRO A 162 -18.43 -16.94 9.53
C PRO A 162 -19.56 -17.15 8.52
N ASP A 163 -20.76 -16.71 8.85
CA ASP A 163 -21.88 -16.86 7.93
C ASP A 163 -21.76 -15.87 6.78
N ILE A 164 -21.34 -14.66 7.09
CA ILE A 164 -21.22 -13.64 6.05
C ILE A 164 -19.93 -12.84 6.16
N VAL A 165 -19.38 -12.49 5.01
CA VAL A 165 -18.19 -11.66 4.95
C VAL A 165 -18.68 -10.37 4.30
N TYR A 166 -18.51 -9.25 5.00
CA TYR A 166 -18.96 -7.95 4.50
C TYR A 166 -17.77 -7.16 3.98
N LEU A 167 -17.95 -6.52 2.82
CA LEU A 167 -16.90 -5.75 2.17
C LEU A 167 -17.40 -4.37 1.72
N ASP A 168 -16.60 -3.33 1.97
CA ASP A 168 -16.95 -1.97 1.56
C ASP A 168 -15.66 -1.14 1.38
N PRO A 169 -14.85 -1.47 0.36
CA PRO A 169 -13.60 -0.78 0.08
C PRO A 169 -13.77 0.68 -0.33
N ALA A 185 -0.70 2.00 -17.30
CA ALA A 185 -2.07 1.66 -16.94
C ALA A 185 -2.21 0.16 -16.69
N TYR A 186 -1.78 -0.63 -17.66
CA TYR A 186 -1.85 -2.08 -17.56
C TYR A 186 -1.09 -2.55 -16.32
N PHE A 187 0.10 -2.01 -16.11
CA PHE A 187 0.90 -2.36 -14.95
C PHE A 187 0.14 -2.09 -13.66
N HIS A 188 -0.56 -0.95 -13.61
CA HIS A 188 -1.35 -0.57 -12.45
C HIS A 188 -2.42 -1.59 -12.13
N ARG A 189 -3.04 -2.14 -13.18
CA ARG A 189 -4.09 -3.11 -13.01
C ARG A 189 -3.56 -4.43 -12.48
N LEU A 190 -2.35 -4.79 -12.89
CA LEU A 190 -1.74 -6.05 -12.46
C LEU A 190 -1.24 -6.08 -11.01
N VAL A 191 -0.73 -4.96 -10.52
CA VAL A 191 -0.21 -4.94 -9.15
C VAL A 191 -0.91 -3.93 -8.24
N GLY A 192 -1.76 -3.10 -8.81
CA GLY A 192 -2.45 -2.09 -8.02
C GLY A 192 -3.69 -2.54 -7.28
N GLU A 193 -4.57 -1.57 -6.99
CA GLU A 193 -5.82 -1.82 -6.29
C GLU A 193 -6.68 -2.84 -7.01
N ALA A 194 -6.62 -2.87 -8.33
CA ALA A 194 -7.41 -3.82 -9.12
C ALA A 194 -7.14 -5.24 -8.65
N GLN A 195 -5.87 -5.57 -8.47
CA GLN A 195 -5.47 -6.91 -8.03
C GLN A 195 -5.88 -7.14 -6.58
N ASP A 196 -5.76 -6.11 -5.74
CA ASP A 196 -6.15 -6.25 -4.33
C ASP A 196 -7.63 -6.61 -4.24
N GLU A 197 -8.43 -6.06 -5.16
CA GLU A 197 -9.87 -6.33 -5.19
C GLU A 197 -10.11 -7.79 -5.49
N VAL A 198 -9.38 -8.32 -6.47
CA VAL A 198 -9.52 -9.71 -6.87
C VAL A 198 -9.20 -10.60 -5.67
N VAL A 199 -8.10 -10.30 -4.98
CA VAL A 199 -7.69 -11.09 -3.82
C VAL A 199 -8.69 -11.03 -2.68
N LEU A 200 -9.23 -9.83 -2.42
CA LEU A 200 -10.19 -9.66 -1.33
C LEU A 200 -11.46 -10.48 -1.56
N LEU A 201 -12.04 -10.35 -2.75
CA LEU A 201 -13.25 -11.07 -3.09
C LEU A 201 -13.04 -12.59 -3.09
N HIS A 202 -11.91 -13.02 -3.65
CA HIS A 202 -11.59 -14.44 -3.69
C HIS A 202 -11.53 -15.02 -2.28
N THR A 203 -10.79 -14.38 -1.40
CA THR A 203 -10.64 -14.84 -0.02
C THR A 203 -11.97 -14.84 0.72
N ALA A 204 -12.79 -13.80 0.50
CA ALA A 204 -14.09 -13.71 1.14
C ALA A 204 -14.98 -14.87 0.69
N ARG A 205 -14.94 -15.18 -0.60
CA ARG A 205 -15.74 -16.27 -1.12
C ARG A 205 -15.29 -17.64 -0.62
N GLN A 206 -14.07 -17.72 -0.10
CA GLN A 206 -13.54 -18.98 0.44
C GLN A 206 -13.72 -19.02 1.96
N THR A 207 -14.13 -17.91 2.54
CA THR A 207 -14.30 -17.78 3.99
C THR A 207 -15.75 -17.89 4.47
N ALA A 208 -16.63 -17.17 3.79
CA ALA A 208 -18.05 -17.15 4.15
C ALA A 208 -18.74 -18.48 3.94
N LYS A 209 -19.67 -18.80 4.82
CA LYS A 209 -20.42 -20.05 4.69
C LYS A 209 -21.73 -19.82 3.96
N LYS A 210 -22.20 -18.58 3.95
CA LYS A 210 -23.46 -18.25 3.29
C LYS A 210 -23.44 -17.17 2.23
N ARG A 211 -22.86 -16.01 2.54
CA ARG A 211 -22.83 -14.91 1.58
C ARG A 211 -21.67 -13.94 1.77
N VAL A 212 -21.29 -13.28 0.68
CA VAL A 212 -20.27 -12.25 0.69
C VAL A 212 -21.07 -11.05 0.18
N VAL A 213 -21.17 -10.02 1.01
CA VAL A 213 -21.93 -8.82 0.67
C VAL A 213 -20.97 -7.66 0.41
N VAL A 214 -21.12 -7.04 -0.75
CA VAL A 214 -20.26 -5.93 -1.14
C VAL A 214 -21.06 -4.64 -1.34
N LYS A 215 -20.73 -3.60 -0.57
CA LYS A 215 -21.42 -2.33 -0.71
C LYS A 215 -20.87 -1.60 -1.93
N ARG A 216 -21.76 -0.99 -2.71
CA ARG A 216 -21.37 -0.26 -3.91
C ARG A 216 -22.26 0.97 -4.07
N PRO A 217 -21.78 1.98 -4.80
CA PRO A 217 -22.60 3.18 -5.00
C PRO A 217 -23.89 2.78 -5.71
N ARG A 218 -24.76 3.74 -6.00
CA ARG A 218 -26.02 3.44 -6.67
C ARG A 218 -25.78 2.63 -7.93
N LEU A 219 -25.13 3.24 -8.92
CA LEU A 219 -24.83 2.55 -10.17
C LEU A 219 -23.35 2.25 -10.28
N GLY A 220 -22.74 1.88 -9.15
CA GLY A 220 -21.32 1.56 -9.14
C GLY A 220 -20.99 0.30 -9.90
N GLU A 221 -19.75 0.20 -10.35
CA GLU A 221 -19.29 -0.96 -11.10
C GLU A 221 -19.08 -2.16 -10.17
N HIS A 222 -19.07 -3.35 -10.75
CA HIS A 222 -18.87 -4.58 -9.99
C HIS A 222 -17.44 -4.70 -9.44
N LEU A 223 -17.32 -5.23 -8.24
CA LEU A 223 -16.01 -5.41 -7.61
C LEU A 223 -15.23 -6.48 -8.36
N ALA A 224 -13.93 -6.24 -8.56
CA ALA A 224 -13.08 -7.19 -9.26
C ALA A 224 -13.66 -7.56 -10.63
N GLY A 225 -14.57 -6.72 -11.13
CA GLY A 225 -15.18 -6.95 -12.42
C GLY A 225 -15.94 -8.27 -12.51
N GLN A 226 -16.38 -8.77 -11.37
CA GLN A 226 -17.12 -10.04 -11.33
C GLN A 226 -18.60 -9.82 -11.03
N ALA A 227 -19.45 -10.58 -11.70
CA ALA A 227 -20.89 -10.46 -11.52
C ALA A 227 -21.39 -11.23 -10.30
N PRO A 228 -22.21 -10.59 -9.46
CA PRO A 228 -22.74 -11.23 -8.25
C PRO A 228 -23.87 -12.20 -8.57
N ALA A 229 -24.35 -12.91 -7.54
CA ALA A 229 -25.44 -13.87 -7.72
C ALA A 229 -26.75 -13.08 -7.77
N TYR A 230 -26.80 -12.01 -6.99
CA TYR A 230 -27.96 -11.14 -6.93
C TYR A 230 -27.59 -9.88 -6.15
N GLN A 231 -28.54 -8.96 -5.99
CA GLN A 231 -28.25 -7.73 -5.27
C GLN A 231 -29.48 -7.04 -4.72
N TYR A 232 -29.24 -6.08 -3.83
CA TYR A 232 -30.28 -5.29 -3.20
C TYR A 232 -29.99 -3.84 -3.51
N THR A 233 -30.83 -3.24 -4.35
CA THR A 233 -30.66 -1.84 -4.75
C THR A 233 -31.48 -0.90 -3.89
N GLY A 234 -30.81 0.06 -3.26
CA GLY A 234 -31.49 1.01 -2.43
C GLY A 234 -31.60 2.37 -3.08
N LYS A 235 -31.66 3.41 -2.27
CA LYS A 235 -31.77 4.78 -2.77
C LYS A 235 -30.54 5.23 -3.55
N SER A 236 -29.42 5.35 -2.86
CA SER A 236 -28.18 5.77 -3.53
C SER A 236 -27.05 4.78 -3.23
N THR A 237 -27.43 3.58 -2.81
CA THR A 237 -26.46 2.55 -2.47
C THR A 237 -26.95 1.20 -2.99
N ARG A 238 -26.02 0.26 -3.19
CA ARG A 238 -26.35 -1.07 -3.68
C ARG A 238 -25.51 -2.12 -2.94
N PHE A 239 -26.00 -3.35 -2.86
CA PHE A 239 -25.26 -4.41 -2.20
C PHE A 239 -25.19 -5.66 -3.06
N ASP A 240 -24.06 -5.89 -3.72
CA ASP A 240 -23.91 -7.07 -4.55
C ASP A 240 -23.65 -8.25 -3.64
N VAL A 241 -24.36 -9.35 -3.87
CA VAL A 241 -24.19 -10.53 -3.05
C VAL A 241 -23.61 -11.70 -3.83
N TYR A 242 -22.48 -12.21 -3.36
CA TYR A 242 -21.84 -13.35 -4.01
C TYR A 242 -22.04 -14.58 -3.14
N LEU A 243 -21.99 -15.76 -3.75
CA LEU A 243 -22.12 -16.98 -2.98
C LEU A 243 -20.75 -17.60 -2.81
N PRO A 244 -20.55 -18.40 -1.76
CA PRO A 244 -19.28 -19.07 -1.50
C PRO A 244 -18.96 -19.98 -2.69
N TYR A 245 -17.69 -20.33 -2.86
CA TYR A 245 -17.30 -21.20 -3.97
C TYR A 245 -17.96 -22.57 -3.85
N GLY A 246 -18.49 -23.07 -4.97
CA GLY A 246 -19.13 -24.37 -4.96
C GLY A 246 -20.55 -24.35 -4.43
N ALA A 247 -21.13 -23.16 -4.31
CA ALA A 247 -22.49 -23.05 -3.81
C ALA A 247 -23.46 -23.10 -4.97
N ASP A 248 -24.59 -23.77 -4.77
CA ASP A 248 -25.63 -23.86 -5.80
C ASP A 248 -26.67 -22.80 -5.48
N LYS A 249 -26.79 -21.79 -6.33
CA LYS A 249 -27.74 -20.71 -6.11
C LYS A 249 -29.19 -21.22 -6.01
N GLY A 250 -29.48 -22.34 -6.68
CA GLY A 250 -30.81 -22.89 -6.64
C GLY A 250 -31.24 -23.38 -5.26
N LEU A 251 -30.28 -23.61 -4.38
CA LEU A 251 -30.59 -24.11 -3.04
C LEU A 251 -31.00 -23.01 -2.05
N GLU A 252 -30.70 -21.75 -2.36
CA GLU A 252 -31.06 -20.65 -1.47
C GLU A 252 -32.47 -20.15 -1.74
N THR B 2 1.12 -13.05 -3.76
CA THR B 2 1.49 -13.13 -5.21
C THR B 2 1.78 -14.56 -5.65
N ASP B 3 0.96 -15.07 -6.57
CA ASP B 3 1.15 -16.42 -7.10
C ASP B 3 2.23 -16.43 -8.18
N ILE B 4 2.95 -17.54 -8.27
CA ILE B 4 3.98 -17.68 -9.30
C ILE B 4 3.93 -19.08 -9.91
N LEU B 5 3.66 -19.13 -11.21
CA LEU B 5 3.60 -20.40 -11.93
C LEU B 5 5.03 -20.68 -12.38
N ILE B 6 5.58 -21.80 -11.92
CA ILE B 6 6.93 -22.18 -12.27
C ILE B 6 6.89 -23.26 -13.35
N ASP B 7 7.11 -22.85 -14.59
CA ASP B 7 7.09 -23.78 -15.70
C ASP B 7 8.27 -24.75 -15.61
N ASP B 8 8.13 -25.93 -16.22
CA ASP B 8 9.19 -26.94 -16.20
C ASP B 8 10.47 -26.43 -16.86
N THR B 9 10.36 -25.49 -17.78
CA THR B 9 11.52 -24.95 -18.49
C THR B 9 12.29 -23.89 -17.71
N ALA B 10 11.76 -23.47 -16.57
CA ALA B 10 12.44 -22.47 -15.75
C ALA B 10 13.84 -22.93 -15.38
N THR B 11 14.82 -22.08 -15.67
CA THR B 11 16.23 -22.36 -15.39
C THR B 11 16.50 -22.37 -13.90
N GLU B 12 17.65 -22.91 -13.50
CA GLU B 12 18.02 -22.98 -12.09
C GLU B 12 18.28 -21.58 -11.52
N ALA B 13 18.74 -20.67 -12.37
CA ALA B 13 19.00 -19.30 -11.96
C ALA B 13 17.69 -18.66 -11.50
N VAL B 14 16.67 -18.78 -12.35
CA VAL B 14 15.34 -18.24 -12.04
C VAL B 14 14.77 -18.87 -10.77
N ARG B 15 14.83 -20.20 -10.69
CA ARG B 15 14.31 -20.91 -9.52
C ARG B 15 14.99 -20.46 -8.24
N THR B 16 16.29 -20.17 -8.32
CA THR B 16 17.02 -19.73 -7.13
C THR B 16 16.63 -18.30 -6.76
N LEU B 17 16.47 -17.45 -7.78
CA LEU B 17 16.12 -16.06 -7.56
C LEU B 17 14.75 -15.87 -6.90
N ILE B 18 13.72 -16.52 -7.43
CA ILE B 18 12.38 -16.39 -6.87
C ILE B 18 12.24 -16.95 -5.46
N ARG B 19 13.18 -17.82 -5.09
CA ARG B 19 13.14 -18.44 -3.77
C ARG B 19 13.40 -17.43 -2.66
N ALA B 20 13.89 -16.26 -3.03
CA ALA B 20 14.19 -15.21 -2.05
C ALA B 20 13.01 -14.25 -1.86
N PHE B 21 11.92 -14.53 -2.56
CA PHE B 21 10.73 -13.68 -2.45
C PHE B 21 9.54 -14.46 -1.91
N PRO B 22 8.75 -13.82 -1.04
CA PRO B 22 7.57 -14.43 -0.42
C PRO B 22 6.45 -14.66 -1.43
N LEU B 23 6.66 -15.56 -2.38
CA LEU B 23 5.66 -15.85 -3.38
C LEU B 23 4.97 -17.18 -3.06
N VAL B 24 3.85 -17.42 -3.71
CA VAL B 24 3.10 -18.65 -3.50
C VAL B 24 3.09 -19.47 -4.78
N PRO B 25 3.89 -20.54 -4.83
CA PRO B 25 3.97 -21.42 -6.01
C PRO B 25 2.59 -22.05 -6.26
N VAL B 26 2.13 -22.00 -7.51
CA VAL B 26 0.84 -22.60 -7.88
C VAL B 26 1.09 -23.56 -9.04
N SER B 27 0.30 -24.64 -9.10
CA SER B 27 0.45 -25.65 -10.16
C SER B 27 -0.25 -25.22 -11.44
N GLN B 28 -1.03 -24.14 -11.35
CA GLN B 28 -1.75 -23.61 -12.49
C GLN B 28 -2.11 -22.14 -12.25
N PRO B 29 -2.36 -21.39 -13.32
CA PRO B 29 -2.71 -19.98 -13.22
C PRO B 29 -4.00 -19.81 -12.42
N PRO B 30 -4.15 -18.67 -11.71
CA PRO B 30 -5.38 -18.48 -10.95
C PRO B 30 -6.53 -18.30 -11.94
N GLU B 31 -7.76 -18.26 -11.43
CA GLU B 31 -8.94 -18.09 -12.28
C GLU B 31 -9.13 -16.63 -12.65
N GLN B 32 -8.56 -15.74 -11.83
CA GLN B 32 -8.71 -14.31 -12.04
C GLN B 32 -7.46 -13.57 -11.61
N GLY B 33 -7.29 -12.37 -12.15
CA GLY B 33 -6.16 -11.54 -11.78
C GLY B 33 -4.81 -11.87 -12.34
N SER B 34 -3.79 -11.25 -11.75
CA SER B 34 -2.43 -11.43 -12.17
C SER B 34 -1.68 -12.50 -11.40
N TYR B 35 -0.49 -12.81 -11.92
CA TYR B 35 0.38 -13.80 -11.32
C TYR B 35 1.71 -13.75 -12.05
N LEU B 36 2.75 -14.27 -11.41
CA LEU B 36 4.07 -14.31 -12.01
C LEU B 36 4.23 -15.63 -12.75
N LEU B 37 5.03 -15.60 -13.82
CA LEU B 37 5.31 -16.80 -14.62
C LEU B 37 6.82 -16.96 -14.75
N ALA B 38 7.35 -18.08 -14.27
CA ALA B 38 8.77 -18.34 -14.39
C ALA B 38 8.93 -19.37 -15.50
N GLU B 39 9.31 -18.90 -16.68
CA GLU B 39 9.48 -19.76 -17.84
C GLU B 39 10.89 -19.53 -18.40
N HIS B 40 11.58 -20.62 -18.74
CA HIS B 40 12.94 -20.53 -19.25
C HIS B 40 13.83 -19.74 -18.29
N ASP B 41 14.43 -18.66 -18.77
CA ASP B 41 15.31 -17.86 -17.92
C ASP B 41 14.71 -16.48 -17.64
N THR B 42 13.39 -16.39 -17.58
CA THR B 42 12.76 -15.10 -17.31
C THR B 42 11.56 -15.19 -16.38
N VAL B 43 11.37 -14.13 -15.60
CA VAL B 43 10.25 -14.03 -14.69
C VAL B 43 9.43 -12.88 -15.25
N SER B 44 8.15 -13.14 -15.49
CA SER B 44 7.27 -12.12 -16.05
C SER B 44 5.97 -12.06 -15.26
N LEU B 45 5.24 -10.98 -15.45
CA LEU B 45 3.96 -10.78 -14.79
C LEU B 45 2.85 -10.89 -15.82
N ARG B 46 1.86 -11.73 -15.53
CA ARG B 46 0.74 -11.99 -16.43
C ARG B 46 -0.63 -11.62 -15.89
N LEU B 47 -1.59 -11.49 -16.79
CA LEU B 47 -2.97 -11.21 -16.41
C LEU B 47 -3.81 -12.32 -17.03
N VAL B 48 -4.54 -13.05 -16.21
CA VAL B 48 -5.38 -14.13 -16.72
C VAL B 48 -6.25 -13.63 -17.86
N GLY B 49 -6.28 -14.37 -18.97
CA GLY B 49 -7.09 -13.97 -20.11
C GLY B 49 -6.45 -12.97 -21.06
N GLU B 50 -5.25 -12.49 -20.72
CA GLU B 50 -4.55 -11.53 -21.57
C GLU B 50 -3.22 -12.06 -22.09
N LYS B 51 -2.90 -11.76 -23.34
CA LYS B 51 -1.67 -12.23 -23.94
C LYS B 51 -0.46 -11.37 -23.59
N SER B 52 -0.64 -10.06 -23.52
CA SER B 52 0.46 -9.15 -23.21
C SER B 52 0.88 -9.30 -21.75
N ASN B 53 2.18 -9.23 -21.52
CA ASN B 53 2.69 -9.35 -20.16
C ASN B 53 3.64 -8.20 -19.87
N VAL B 54 4.24 -8.23 -18.67
CA VAL B 54 5.21 -7.20 -18.31
C VAL B 54 6.48 -7.91 -17.87
N ILE B 55 7.60 -7.44 -18.40
CA ILE B 55 8.90 -8.01 -18.08
C ILE B 55 9.91 -6.87 -18.00
N VAL B 56 10.84 -6.98 -17.06
CA VAL B 56 11.88 -5.98 -16.90
C VAL B 56 13.05 -6.42 -17.78
N ASP B 57 13.36 -5.61 -18.79
CA ASP B 57 14.45 -5.91 -19.71
C ASP B 57 15.17 -4.62 -20.02
N PHE B 58 16.40 -4.50 -19.53
CA PHE B 58 17.19 -3.28 -19.73
C PHE B 58 18.03 -3.24 -20.99
N THR B 59 17.83 -4.21 -21.88
CA THR B 59 18.58 -4.26 -23.12
C THR B 59 18.64 -2.94 -23.88
N SER B 60 17.48 -2.34 -24.12
CA SER B 60 17.45 -1.08 -24.85
C SER B 60 17.24 0.13 -23.95
N GLY B 61 17.43 -0.05 -22.64
CA GLY B 61 17.25 1.05 -21.71
C GLY B 61 18.09 2.28 -22.02
N ALA B 62 19.40 2.09 -22.13
CA ALA B 62 20.30 3.21 -22.42
C ALA B 62 19.90 3.90 -23.72
N ALA B 63 19.55 3.12 -24.73
CA ALA B 63 19.16 3.65 -26.03
C ALA B 63 17.88 4.47 -25.91
N GLN B 64 16.88 3.93 -25.21
CA GLN B 64 15.61 4.62 -25.03
C GLN B 64 15.79 5.93 -24.30
N TYR B 65 16.72 5.95 -23.35
CA TYR B 65 16.99 7.16 -22.58
C TYR B 65 17.58 8.26 -23.46
N ARG B 66 18.68 7.95 -24.14
CA ARG B 66 19.35 8.92 -25.00
C ARG B 66 18.42 9.55 -26.04
N ARG B 67 17.32 8.88 -26.34
CA ARG B 67 16.37 9.36 -27.32
C ARG B 67 15.14 10.06 -26.73
N THR B 68 14.96 9.98 -25.41
CA THR B 68 13.80 10.61 -24.79
C THR B 68 13.92 12.14 -24.67
N LYS B 69 12.81 12.83 -24.95
CA LYS B 69 12.75 14.28 -24.86
C LYS B 69 11.52 14.67 -24.04
N GLY B 70 11.41 15.95 -23.72
CA GLY B 70 10.27 16.41 -22.94
C GLY B 70 10.64 16.86 -21.54
N GLY B 71 11.83 16.48 -21.08
CA GLY B 71 12.26 16.86 -19.75
C GLY B 71 12.84 15.68 -18.99
N GLY B 72 12.39 14.48 -19.32
CA GLY B 72 12.89 13.30 -18.66
C GLY B 72 14.40 13.16 -18.77
N GLU B 73 14.98 13.70 -19.84
CA GLU B 73 16.43 13.60 -20.02
C GLU B 73 17.19 14.52 -19.08
N LEU B 74 16.46 15.33 -18.31
CA LEU B 74 17.09 16.23 -17.37
C LEU B 74 17.42 15.53 -16.06
N ILE B 75 17.12 14.24 -15.98
CA ILE B 75 17.38 13.52 -14.73
C ILE B 75 18.87 13.58 -14.37
N ALA B 76 19.76 13.47 -15.36
CA ALA B 76 21.20 13.53 -15.09
C ALA B 76 21.61 14.83 -14.43
N LYS B 77 21.13 15.95 -14.97
CA LYS B 77 21.47 17.25 -14.40
C LYS B 77 20.80 17.45 -13.04
N ALA B 78 19.61 16.86 -12.86
CA ALA B 78 18.91 17.00 -11.59
C ALA B 78 19.68 16.38 -10.44
N VAL B 79 20.32 15.23 -10.67
CA VAL B 79 21.07 14.59 -9.60
C VAL B 79 22.55 15.02 -9.64
N ASN B 80 22.88 15.91 -10.57
CA ASN B 80 24.23 16.42 -10.74
C ASN B 80 25.18 15.23 -10.91
N HIS B 81 24.92 14.45 -11.96
CA HIS B 81 25.68 13.24 -12.27
C HIS B 81 27.18 13.38 -12.41
N THR B 82 27.66 14.53 -12.87
CA THR B 82 29.11 14.71 -13.04
C THR B 82 29.81 14.81 -11.68
N ALA B 83 29.04 14.80 -10.60
CA ALA B 83 29.63 14.87 -9.26
C ALA B 83 29.78 13.47 -8.68
N HIS B 84 29.42 12.46 -9.48
CA HIS B 84 29.52 11.07 -9.07
C HIS B 84 28.81 10.76 -7.74
N PRO B 85 27.55 11.20 -7.60
CA PRO B 85 26.85 10.92 -6.33
C PRO B 85 26.30 9.51 -6.22
N THR B 86 26.09 9.08 -4.98
CA THR B 86 25.48 7.79 -4.73
C THR B 86 24.01 8.18 -4.72
N VAL B 87 23.13 7.29 -5.15
CA VAL B 87 21.72 7.63 -5.20
C VAL B 87 20.83 6.50 -4.72
N TRP B 88 19.86 6.86 -3.89
CA TRP B 88 18.90 5.88 -3.43
C TRP B 88 17.61 6.21 -4.16
N ASP B 89 17.15 5.27 -4.97
CA ASP B 89 15.91 5.45 -5.73
C ASP B 89 14.83 4.85 -4.86
N ALA B 90 14.08 5.72 -4.17
CA ALA B 90 13.04 5.30 -3.25
C ALA B 90 11.76 4.71 -3.85
N THR B 91 11.62 4.79 -5.17
CA THR B 91 10.42 4.28 -5.83
C THR B 91 10.85 3.52 -7.10
N ALA B 92 11.74 2.56 -6.92
CA ALA B 92 12.29 1.79 -8.04
C ALA B 92 11.32 1.16 -9.05
N GLY B 93 10.28 0.49 -8.58
CA GLY B 93 9.34 -0.13 -9.50
C GLY B 93 10.04 -0.99 -10.55
N LEU B 94 9.69 -0.81 -11.81
CA LEU B 94 10.29 -1.59 -12.90
C LEU B 94 11.76 -1.22 -13.17
N GLY B 95 12.28 -0.26 -12.40
CA GLY B 95 13.66 0.15 -12.50
C GLY B 95 14.16 0.96 -13.69
N ARG B 96 13.26 1.55 -14.44
CA ARG B 96 13.67 2.32 -15.60
C ARG B 96 14.67 3.40 -15.20
N ASP B 97 14.30 4.23 -14.23
CA ASP B 97 15.18 5.30 -13.77
C ASP B 97 16.39 4.81 -12.99
N SER B 98 16.24 3.69 -12.28
CA SER B 98 17.38 3.16 -11.55
C SER B 98 18.47 2.76 -12.55
N PHE B 99 18.08 2.11 -13.64
CA PHE B 99 19.03 1.68 -14.66
C PHE B 99 19.67 2.89 -15.34
N VAL B 100 18.87 3.91 -15.63
CA VAL B 100 19.42 5.11 -16.26
C VAL B 100 20.46 5.78 -15.37
N LEU B 101 20.14 5.91 -14.08
CA LEU B 101 21.06 6.52 -13.14
C LEU B 101 22.34 5.69 -13.05
N ALA B 102 22.21 4.37 -12.95
CA ALA B 102 23.37 3.52 -12.86
C ALA B 102 24.20 3.61 -14.15
N SER B 103 23.53 3.81 -15.28
CA SER B 103 24.24 3.91 -16.57
C SER B 103 25.09 5.17 -16.68
N LEU B 104 24.82 6.13 -15.80
CA LEU B 104 25.58 7.38 -15.79
C LEU B 104 26.83 7.19 -14.94
N GLY B 105 26.96 6.01 -14.36
CA GLY B 105 28.12 5.72 -13.53
C GLY B 105 27.85 5.86 -12.04
N LEU B 106 26.59 6.02 -11.68
CA LEU B 106 26.24 6.19 -10.27
C LEU B 106 25.89 4.88 -9.57
N THR B 107 26.22 4.79 -8.28
CA THR B 107 25.92 3.59 -7.50
C THR B 107 24.52 3.81 -6.94
N VAL B 108 23.61 2.94 -7.38
CA VAL B 108 22.22 3.02 -7.02
C VAL B 108 21.69 1.92 -6.10
N THR B 109 20.88 2.32 -5.13
CA THR B 109 20.22 1.37 -4.23
C THR B 109 18.77 1.59 -4.65
N ALA B 110 18.15 0.54 -5.19
CA ALA B 110 16.78 0.65 -5.67
C ALA B 110 15.80 -0.01 -4.73
N PHE B 111 14.96 0.80 -4.08
CA PHE B 111 13.96 0.31 -3.15
C PHE B 111 12.63 -0.05 -3.84
N GLU B 112 12.13 -1.26 -3.57
CA GLU B 112 10.86 -1.70 -4.12
C GLU B 112 10.24 -2.60 -3.06
N GLN B 113 9.06 -2.23 -2.57
CA GLN B 113 8.39 -2.97 -1.50
C GLN B 113 7.42 -4.06 -1.93
N HIS B 114 6.96 -4.01 -3.16
CA HIS B 114 6.01 -5.00 -3.64
C HIS B 114 6.73 -6.28 -4.05
N PRO B 115 6.33 -7.43 -3.46
CA PRO B 115 6.94 -8.74 -3.75
C PRO B 115 7.06 -9.07 -5.24
N ALA B 116 5.96 -8.92 -5.98
CA ALA B 116 5.97 -9.22 -7.41
C ALA B 116 6.90 -8.29 -8.19
N VAL B 117 6.80 -6.99 -7.93
CA VAL B 117 7.61 -6.00 -8.63
C VAL B 117 9.09 -6.15 -8.30
N ALA B 118 9.39 -6.39 -7.02
CA ALA B 118 10.78 -6.56 -6.59
C ALA B 118 11.37 -7.79 -7.28
N CYS B 119 10.57 -8.84 -7.39
CA CYS B 119 11.02 -10.07 -8.03
C CYS B 119 11.28 -9.79 -9.51
N LEU B 120 10.36 -9.08 -10.17
CA LEU B 120 10.52 -8.75 -11.58
C LEU B 120 11.79 -7.94 -11.81
N LEU B 121 12.03 -6.97 -10.93
CA LEU B 121 13.20 -6.10 -11.03
C LEU B 121 14.47 -6.92 -10.80
N SER B 122 14.44 -7.78 -9.78
CA SER B 122 15.60 -8.60 -9.46
C SER B 122 16.02 -9.46 -10.66
N ASP B 123 15.05 -10.03 -11.35
CA ASP B 123 15.35 -10.88 -12.50
C ASP B 123 15.85 -10.03 -13.65
N GLY B 124 15.34 -8.81 -13.76
CA GLY B 124 15.78 -7.91 -14.81
C GLY B 124 17.24 -7.57 -14.60
N ILE B 125 17.62 -7.34 -13.35
CA ILE B 125 19.02 -7.01 -13.06
C ILE B 125 19.88 -8.24 -13.35
N ARG B 126 19.39 -9.41 -12.93
CA ARG B 126 20.11 -10.65 -13.15
C ARG B 126 20.40 -10.85 -14.63
N ARG B 127 19.41 -10.68 -15.48
CA ARG B 127 19.62 -10.87 -16.92
C ARG B 127 20.50 -9.78 -17.50
N ALA B 128 20.46 -8.59 -16.90
CA ALA B 128 21.29 -7.49 -17.38
C ALA B 128 22.77 -7.80 -17.17
N LEU B 129 23.07 -8.54 -16.10
CA LEU B 129 24.45 -8.90 -15.80
C LEU B 129 25.01 -9.90 -16.80
N LEU B 130 24.14 -10.54 -17.56
CA LEU B 130 24.55 -11.54 -18.55
C LEU B 130 24.94 -10.93 -19.89
N ASN B 131 24.46 -9.71 -20.14
CA ASN B 131 24.75 -9.02 -21.39
C ASN B 131 25.97 -8.11 -21.18
N PRO B 132 27.02 -8.32 -21.98
CA PRO B 132 28.26 -7.53 -21.89
C PRO B 132 28.04 -6.03 -22.04
N GLU B 133 26.99 -5.65 -22.75
CA GLU B 133 26.68 -4.24 -22.98
C GLU B 133 25.99 -3.57 -21.79
N THR B 134 25.43 -4.37 -20.88
CA THR B 134 24.73 -3.80 -19.72
C THR B 134 25.25 -4.30 -18.38
N GLN B 135 26.26 -5.16 -18.43
CA GLN B 135 26.86 -5.73 -17.23
C GLN B 135 27.37 -4.73 -16.19
N ASP B 136 28.16 -3.77 -16.64
CA ASP B 136 28.72 -2.77 -15.75
C ASP B 136 27.63 -1.96 -15.05
N THR B 137 26.64 -1.54 -15.81
CA THR B 137 25.54 -0.76 -15.25
C THR B 137 24.74 -1.59 -14.25
N ALA B 138 24.36 -2.80 -14.66
CA ALA B 138 23.59 -3.68 -13.79
C ALA B 138 24.30 -3.97 -12.47
N ALA B 139 25.63 -3.95 -12.51
CA ALA B 139 26.41 -4.23 -11.30
C ALA B 139 26.34 -3.06 -10.31
N ARG B 140 25.94 -1.90 -10.81
CA ARG B 140 25.82 -0.71 -9.98
C ARG B 140 24.43 -0.53 -9.40
N ILE B 141 23.55 -1.52 -9.62
CA ILE B 141 22.18 -1.46 -9.10
C ILE B 141 22.00 -2.48 -7.98
N ASN B 142 21.73 -1.98 -6.78
CA ASN B 142 21.55 -2.80 -5.60
C ASN B 142 20.09 -2.78 -5.16
N LEU B 143 19.40 -3.89 -5.32
CA LEU B 143 17.99 -3.98 -4.95
C LEU B 143 17.81 -4.02 -3.44
N HIS B 144 16.87 -3.23 -2.94
CA HIS B 144 16.56 -3.25 -1.51
C HIS B 144 15.06 -3.54 -1.44
N PHE B 145 14.73 -4.78 -1.06
CA PHE B 145 13.35 -5.22 -0.96
C PHE B 145 12.71 -4.77 0.34
N GLY B 146 12.01 -3.64 0.26
CA GLY B 146 11.35 -3.08 1.42
C GLY B 146 10.84 -1.68 1.13
N ASN B 147 10.11 -1.12 2.08
CA ASN B 147 9.54 0.22 1.94
C ASN B 147 10.64 1.23 2.28
N ALA B 148 10.89 2.15 1.34
CA ALA B 148 11.92 3.15 1.54
C ALA B 148 11.72 4.07 2.74
N ALA B 149 10.52 4.62 2.92
CA ALA B 149 10.31 5.50 4.07
C ALA B 149 10.64 4.78 5.38
N GLU B 150 10.21 3.53 5.50
CA GLU B 150 10.43 2.76 6.72
C GLU B 150 11.84 2.23 6.90
N GLN B 151 12.55 1.98 5.80
CA GLN B 151 13.88 1.40 5.89
C GLN B 151 15.10 2.28 5.61
N PRO B 153 16.07 5.03 7.17
CA PRO B 153 16.77 5.42 8.40
C PRO B 153 17.74 4.35 8.89
N ALA B 154 17.31 3.10 8.89
CA ALA B 154 18.19 2.00 9.34
C ALA B 154 19.37 1.82 8.39
N LEU B 155 19.12 1.96 7.09
CA LEU B 155 20.18 1.79 6.11
C LEU B 155 21.23 2.90 6.23
N VAL B 156 20.79 4.08 6.64
CA VAL B 156 21.72 5.20 6.82
C VAL B 156 22.74 4.85 7.90
N LYS B 157 22.25 4.28 9.00
CA LYS B 157 23.13 3.90 10.10
C LYS B 157 24.07 2.78 9.68
N THR B 158 23.57 1.92 8.79
CA THR B 158 24.32 0.78 8.27
C THR B 158 25.46 1.14 7.34
N GLN B 159 25.14 1.83 6.24
CA GLN B 159 26.17 2.18 5.26
C GLN B 159 26.34 3.66 4.94
N GLY B 160 25.77 4.51 5.79
CA GLY B 160 25.91 5.94 5.56
C GLY B 160 24.86 6.54 4.65
N LYS B 161 24.80 7.87 4.65
CA LYS B 161 23.84 8.61 3.86
C LYS B 161 24.23 8.69 2.38
N PRO B 162 23.22 8.65 1.51
CA PRO B 162 23.49 8.74 0.08
C PRO B 162 23.55 10.23 -0.26
N ASP B 163 24.18 10.57 -1.39
CA ASP B 163 24.25 11.97 -1.77
C ASP B 163 22.89 12.43 -2.24
N ILE B 164 22.20 11.54 -2.93
CA ILE B 164 20.89 11.86 -3.51
C ILE B 164 19.81 10.83 -3.21
N VAL B 165 18.61 11.30 -2.89
CA VAL B 165 17.47 10.40 -2.74
C VAL B 165 16.57 10.82 -3.90
N TYR B 166 16.25 9.85 -4.74
CA TYR B 166 15.42 10.09 -5.92
C TYR B 166 14.02 9.52 -5.74
N LEU B 167 13.01 10.31 -6.06
CA LEU B 167 11.62 9.88 -5.89
C LEU B 167 10.78 10.12 -7.15
N ASP B 168 9.94 9.15 -7.51
CA ASP B 168 9.04 9.29 -8.66
C ASP B 168 7.80 8.46 -8.38
N PRO B 169 6.94 8.95 -7.48
CA PRO B 169 5.73 8.20 -7.16
C PRO B 169 4.87 7.98 -8.41
N TYR B 171 1.66 8.20 -8.90
CA TYR B 171 0.30 8.71 -8.66
C TYR B 171 -0.09 9.88 -9.56
N PRO B 172 0.86 10.77 -9.91
CA PRO B 172 0.52 11.91 -10.77
C PRO B 172 0.11 11.50 -12.18
N ALA B 185 -13.09 12.57 2.73
CA ALA B 185 -12.01 13.21 1.99
C ALA B 185 -10.90 13.67 2.95
N TYR B 186 -11.30 14.39 3.99
CA TYR B 186 -10.35 14.88 4.98
C TYR B 186 -9.63 13.74 5.69
N PHE B 187 -10.40 12.73 6.07
CA PHE B 187 -9.83 11.57 6.77
C PHE B 187 -8.84 10.81 5.88
N HIS B 188 -9.14 10.72 4.60
CA HIS B 188 -8.25 10.00 3.69
C HIS B 188 -6.91 10.72 3.53
N ARG B 189 -6.93 12.04 3.63
CA ARG B 189 -5.70 12.84 3.52
C ARG B 189 -4.81 12.59 4.74
N LEU B 190 -5.43 12.23 5.86
CA LEU B 190 -4.70 11.98 7.08
C LEU B 190 -4.07 10.60 7.18
N VAL B 191 -4.68 9.60 6.54
CA VAL B 191 -4.12 8.26 6.62
C VAL B 191 -3.75 7.64 5.27
N GLY B 192 -4.14 8.32 4.18
CA GLY B 192 -3.86 7.78 2.86
C GLY B 192 -2.55 8.17 2.22
N GLU B 193 -2.55 8.17 0.89
CA GLU B 193 -1.36 8.52 0.13
C GLU B 193 -0.81 9.90 0.47
N ALA B 194 -1.67 10.84 0.84
CA ALA B 194 -1.23 12.19 1.18
C ALA B 194 -0.26 12.16 2.36
N GLN B 195 -0.63 11.39 3.38
CA GLN B 195 0.20 11.25 4.57
C GLN B 195 1.46 10.48 4.19
N ASP B 196 1.32 9.44 3.37
CA ASP B 196 2.51 8.69 2.98
C ASP B 196 3.49 9.59 2.25
N GLU B 197 2.98 10.54 1.46
CA GLU B 197 3.87 11.45 0.73
C GLU B 197 4.61 12.36 1.70
N VAL B 198 3.92 12.83 2.73
CA VAL B 198 4.51 13.70 3.73
C VAL B 198 5.68 12.97 4.40
N VAL B 199 5.45 11.72 4.79
CA VAL B 199 6.49 10.95 5.46
C VAL B 199 7.66 10.62 4.55
N LEU B 200 7.37 10.28 3.30
CA LEU B 200 8.43 9.95 2.36
C LEU B 200 9.34 11.14 2.12
N LEU B 201 8.76 12.32 1.88
CA LEU B 201 9.57 13.52 1.64
C LEU B 201 10.37 13.90 2.87
N HIS B 202 9.72 13.81 4.03
CA HIS B 202 10.40 14.15 5.26
C HIS B 202 11.60 13.22 5.48
N THR B 203 11.37 11.92 5.32
CA THR B 203 12.44 10.94 5.49
C THR B 203 13.55 11.17 4.47
N ALA B 204 13.18 11.45 3.23
CA ALA B 204 14.19 11.69 2.20
C ALA B 204 15.04 12.91 2.54
N ARG B 205 14.42 13.95 3.10
CA ARG B 205 15.18 15.15 3.43
C ARG B 205 16.08 14.98 4.65
N GLN B 206 15.89 13.91 5.41
CA GLN B 206 16.74 13.63 6.57
C GLN B 206 17.84 12.66 6.18
N THR B 207 17.64 12.04 5.02
CA THR B 207 18.53 11.02 4.48
C THR B 207 19.59 11.48 3.46
N ALA B 208 19.18 12.27 2.47
CA ALA B 208 20.09 12.73 1.45
C ALA B 208 21.14 13.71 2.00
N LYS B 209 22.35 13.63 1.46
CA LYS B 209 23.42 14.53 1.87
C LYS B 209 23.40 15.80 1.03
N LYS B 210 22.99 15.66 -0.24
CA LYS B 210 22.99 16.81 -1.14
C LYS B 210 21.63 17.26 -1.67
N ARG B 211 20.82 16.34 -2.18
CA ARG B 211 19.52 16.74 -2.71
C ARG B 211 18.51 15.61 -2.71
N VAL B 212 17.23 15.97 -2.71
CA VAL B 212 16.16 15.02 -2.85
C VAL B 212 15.57 15.49 -4.18
N VAL B 213 15.55 14.59 -5.16
CA VAL B 213 15.05 14.93 -6.49
C VAL B 213 13.72 14.20 -6.71
N VAL B 214 12.69 14.95 -7.09
CA VAL B 214 11.37 14.37 -7.29
C VAL B 214 10.87 14.61 -8.71
N LYS B 215 10.68 13.54 -9.49
CA LYS B 215 10.18 13.71 -10.86
C LYS B 215 8.70 14.08 -10.78
N ARG B 216 8.27 14.96 -11.67
CA ARG B 216 6.87 15.41 -11.67
C ARG B 216 6.39 15.80 -13.06
N PRO B 217 5.07 15.70 -13.29
CA PRO B 217 4.54 16.09 -14.59
C PRO B 217 4.72 17.62 -14.60
N ARG B 218 4.83 18.22 -15.78
CA ARG B 218 5.02 19.68 -15.87
C ARG B 218 4.14 20.49 -14.94
N LEU B 219 2.84 20.21 -14.96
CA LEU B 219 1.88 20.94 -14.13
C LEU B 219 1.54 20.17 -12.85
N GLY B 220 2.31 19.12 -12.58
CA GLY B 220 2.06 18.32 -11.39
C GLY B 220 2.13 19.08 -10.08
N GLU B 221 1.34 18.65 -9.11
CA GLU B 221 1.35 19.32 -7.81
C GLU B 221 2.66 18.98 -7.11
N HIS B 222 3.04 19.80 -6.13
CA HIS B 222 4.26 19.57 -5.37
C HIS B 222 4.06 18.41 -4.42
N LEU B 223 5.04 17.52 -4.35
CA LEU B 223 4.94 16.38 -3.44
C LEU B 223 4.70 16.90 -2.02
N ALA B 224 3.76 16.25 -1.32
CA ALA B 224 3.42 16.62 0.05
C ALA B 224 3.06 18.10 0.18
N GLY B 225 2.64 18.70 -0.93
CA GLY B 225 2.27 20.11 -0.93
C GLY B 225 3.38 21.00 -0.45
N GLN B 226 4.63 20.57 -0.67
CA GLN B 226 5.77 21.35 -0.24
C GLN B 226 6.61 21.87 -1.41
N ALA B 227 6.86 23.16 -1.42
CA ALA B 227 7.64 23.81 -2.48
C ALA B 227 9.11 23.47 -2.37
N PRO B 228 9.73 23.07 -3.49
CA PRO B 228 11.15 22.71 -3.56
C PRO B 228 12.05 23.93 -3.57
N ALA B 229 13.35 23.72 -3.42
CA ALA B 229 14.33 24.80 -3.41
C ALA B 229 14.49 25.38 -4.83
N TYR B 230 14.51 24.51 -5.82
CA TYR B 230 14.63 24.89 -7.22
C TYR B 230 14.12 23.75 -8.11
N GLN B 231 14.05 23.97 -9.42
CA GLN B 231 13.54 22.94 -10.32
C GLN B 231 14.25 22.90 -11.66
N TYR B 232 14.11 21.76 -12.35
CA TYR B 232 14.68 21.55 -13.69
C TYR B 232 13.46 21.26 -14.55
N THR B 233 13.04 22.25 -15.34
CA THR B 233 11.84 22.11 -16.15
C THR B 233 11.98 21.77 -17.62
N GLY B 234 11.25 20.75 -18.04
CA GLY B 234 11.25 20.34 -19.44
C GLY B 234 9.90 20.78 -19.98
N LYS B 235 9.48 20.21 -21.11
CA LYS B 235 8.19 20.58 -21.68
C LYS B 235 7.03 19.88 -20.97
N SER B 236 7.14 18.57 -20.78
CA SER B 236 6.08 17.82 -20.12
C SER B 236 6.53 17.16 -18.81
N THR B 237 7.82 17.27 -18.51
CA THR B 237 8.35 16.68 -17.28
C THR B 237 9.28 17.65 -16.56
N ARG B 238 9.26 17.63 -15.23
CA ARG B 238 10.14 18.49 -14.46
C ARG B 238 10.67 17.72 -13.25
N PHE B 239 11.69 18.28 -12.62
CA PHE B 239 12.27 17.68 -11.43
C PHE B 239 12.33 18.71 -10.32
N ASP B 240 11.64 18.42 -9.23
CA ASP B 240 11.65 19.31 -8.07
C ASP B 240 12.81 18.88 -7.19
N VAL B 241 13.63 19.85 -6.79
CA VAL B 241 14.79 19.54 -5.97
C VAL B 241 14.70 20.19 -4.60
N TYR B 242 14.80 19.36 -3.57
CA TYR B 242 14.76 19.84 -2.20
C TYR B 242 16.13 19.65 -1.57
N LEU B 243 16.52 20.59 -0.70
CA LEU B 243 17.80 20.48 -0.02
C LEU B 243 17.57 19.70 1.26
N PRO B 244 18.59 18.99 1.76
CA PRO B 244 18.42 18.23 3.00
C PRO B 244 18.08 19.18 4.15
N TYR B 245 17.48 18.67 5.21
CA TYR B 245 17.16 19.50 6.36
C TYR B 245 18.42 20.12 6.92
N GLY B 246 18.36 21.40 7.25
CA GLY B 246 19.50 22.08 7.82
C GLY B 246 20.56 22.56 6.84
N ALA B 247 20.34 22.33 5.55
CA ALA B 247 21.29 22.77 4.54
C ALA B 247 21.11 24.26 4.29
N ASP B 248 22.23 24.96 4.10
CA ASP B 248 22.21 26.39 3.84
C ASP B 248 22.24 26.65 2.34
N LYS B 249 21.13 27.14 1.79
CA LYS B 249 21.06 27.42 0.35
C LYS B 249 22.15 28.40 -0.07
N GLY B 250 22.73 29.08 0.91
CA GLY B 250 23.79 30.04 0.63
C GLY B 250 25.04 29.32 0.21
N LEU B 251 25.34 28.19 0.85
CA LEU B 251 26.51 27.39 0.52
C LEU B 251 26.25 26.52 -0.69
N GLU B 252 25.11 25.85 -0.70
CA GLU B 252 24.73 24.97 -1.80
C GLU B 252 24.68 25.76 -3.11
N HIS B 253 24.91 25.08 -4.22
CA HIS B 253 24.89 25.72 -5.54
C HIS B 253 24.55 24.70 -6.62
N HIS B 254 23.85 25.16 -7.66
CA HIS B 254 23.47 24.28 -8.77
C HIS B 254 23.58 25.03 -10.09
#